data_5RHG
#
_entry.id   5RHG
#
_cell.length_a   53.777
_cell.length_b   68.692
_cell.length_c   57.183
_cell.angle_alpha   90.000
_cell.angle_beta   92.610
_cell.angle_gamma   90.000
#
_symmetry.space_group_name_H-M   'P 1 21 1'
#
loop_
_entity.id
_entity.type
_entity.pdbx_description
1 polymer 'NS3 Helicase'
2 non-polymer 1,2-ETHANEDIOL
3 non-polymer 'PHOSPHATE ION'
4 non-polymer N-(2-methoxy-5-methylphenyl)glycinamide
5 water water
#
_entity_poly.entity_id   1
_entity_poly.type   'polypeptide(L)'
_entity_poly.pdbx_seq_one_letter_code
;MLKKKQLTVLDLHPGAGKTRRVLPEIVREAIKKRLRTVILAPTRVVAAEMEEALRGLPVRYMTTAVNVTHSGTEIVDLMC
HATFTSRLLQPIRVPNYNLNIMDEAHFTDPSSIAARGYISTRVEMGEAAAIFMTATPPGTRDAFPDSNSPIMDTEVEVPE
RAWSSGFDWVTDHSGKTVWFVPSVRNGNEIAACLTKAGKRVIQLSRKTFETEFQKTKNQEWDFVITTDISEMGANFKADR
VIDSRRCLKPVILDGERVILAGPMPVTHASAAQRRGRIGRNPNKPGDEYMYGGGCAETDEGHAHWLEARMLLDNIYLQDG
LIASLYRPEADKVAAIEGEFKLRTEQRKTFVELMKRGDLPVWLAYQVASAGITYTDRRWCFDGTTNNTIMEDSVPAEVWT
KYGEKRVLKPRWMDARVCSDHAALKSFKEFAAGKR
;
_entity_poly.pdbx_strand_id   A
#
loop_
_chem_comp.id
_chem_comp.type
_chem_comp.name
_chem_comp.formula
EDO non-polymer 1,2-ETHANEDIOL 'C2 H6 O2'
NY7 non-polymer N-(2-methoxy-5-methylphenyl)glycinamide 'C10 H14 N2 O2'
PO4 non-polymer 'PHOSPHATE ION' 'O4 P -3'
#
# COMPACT_ATOMS: atom_id res chain seq x y z
N MET A 1 -0.99 -5.71 -27.26
CA MET A 1 -1.13 -5.84 -25.78
C MET A 1 -2.46 -6.53 -25.43
N LEU A 2 -3.51 -6.28 -26.24
CA LEU A 2 -4.93 -6.47 -25.84
C LEU A 2 -5.40 -7.91 -26.11
N LYS A 3 -4.53 -8.75 -26.73
CA LYS A 3 -4.76 -10.19 -27.10
C LYS A 3 -4.80 -11.10 -25.89
N LYS A 4 -5.71 -12.07 -25.91
CA LYS A 4 -5.90 -13.02 -24.80
C LYS A 4 -4.55 -13.68 -24.51
N LYS A 5 -4.40 -14.19 -23.29
CA LYS A 5 -3.17 -14.82 -22.77
C LYS A 5 -1.99 -13.85 -22.86
N GLN A 6 -2.17 -12.53 -23.00
CA GLN A 6 -0.97 -11.64 -22.92
C GLN A 6 -0.93 -10.90 -21.57
N LEU A 7 0.19 -10.97 -20.86
CA LEU A 7 0.51 -10.03 -19.77
C LEU A 7 1.67 -9.15 -20.21
N THR A 8 1.43 -7.86 -20.34
CA THR A 8 2.43 -6.85 -20.71
C THR A 8 2.85 -6.05 -19.49
N VAL A 9 4.15 -5.90 -19.26
CA VAL A 9 4.70 -5.00 -18.24
C VAL A 9 5.14 -3.74 -18.98
N LEU A 10 4.38 -2.70 -18.74
CA LEU A 10 4.62 -1.35 -19.20
C LEU A 10 5.51 -0.70 -18.14
N ASP A 11 6.83 -0.78 -18.43
CA ASP A 11 7.92 -0.45 -17.48
C ASP A 11 8.69 0.79 -17.96
N LEU A 12 8.00 1.72 -18.61
CA LEU A 12 8.57 3.07 -18.88
C LEU A 12 9.03 3.67 -17.54
N HIS A 13 10.07 4.48 -17.58
CA HIS A 13 10.64 5.11 -16.37
C HIS A 13 9.62 5.99 -15.65
N PRO A 14 9.84 6.29 -14.36
CA PRO A 14 8.91 7.13 -13.62
C PRO A 14 8.68 8.47 -14.34
N GLY A 15 7.44 8.93 -14.49
CA GLY A 15 7.12 10.22 -15.14
C GLY A 15 7.13 10.16 -16.67
N ALA A 16 7.27 8.98 -17.28
CA ALA A 16 7.34 8.82 -18.76
C ALA A 16 5.96 9.00 -19.44
N GLY A 17 4.86 9.11 -18.67
CA GLY A 17 3.50 9.33 -19.19
C GLY A 17 2.65 8.07 -19.26
N LYS A 18 3.05 7.01 -18.54
CA LYS A 18 2.24 5.76 -18.52
C LYS A 18 0.78 6.09 -18.19
N THR A 19 0.52 6.88 -17.17
CA THR A 19 -0.87 7.16 -16.73
C THR A 19 -1.54 8.21 -17.65
N ARG A 20 -0.89 9.34 -17.95
CA ARG A 20 -1.59 10.49 -18.62
C ARG A 20 -1.59 10.32 -20.15
N ARG A 21 -0.65 9.60 -20.75
CA ARG A 21 -0.56 9.48 -22.23
C ARG A 21 -0.98 8.08 -22.68
N VAL A 22 -0.32 7.03 -22.16
CA VAL A 22 -0.49 5.64 -22.66
C VAL A 22 -1.88 5.11 -22.25
N LEU A 23 -2.27 5.25 -20.98
CA LEU A 23 -3.52 4.63 -20.48
C LEU A 23 -4.72 5.06 -21.33
N PRO A 24 -4.97 6.35 -21.66
CA PRO A 24 -6.15 6.70 -22.45
C PRO A 24 -6.13 6.05 -23.84
N GLU A 25 -4.96 5.90 -24.44
CA GLU A 25 -4.81 5.18 -25.75
C GLU A 25 -5.22 3.71 -25.58
N ILE A 26 -4.76 3.06 -24.51
CA ILE A 26 -5.17 1.66 -24.22
C ILE A 26 -6.69 1.62 -24.05
N VAL A 27 -7.27 2.52 -23.27
CA VAL A 27 -8.72 2.52 -22.99
C VAL A 27 -9.52 2.74 -24.28
N ARG A 28 -9.14 3.70 -25.11
CA ARG A 28 -9.83 3.93 -26.40
C ARG A 28 -9.84 2.65 -27.25
N GLU A 29 -8.68 2.00 -27.36
CA GLU A 29 -8.55 0.75 -28.15
C GLU A 29 -9.44 -0.32 -27.52
N ALA A 30 -9.44 -0.47 -26.19
CA ALA A 30 -10.29 -1.48 -25.51
C ALA A 30 -11.78 -1.29 -25.79
N ILE A 31 -12.28 -0.07 -25.73
CA ILE A 31 -13.72 0.24 -26.01
C ILE A 31 -14.04 -0.13 -27.48
N LYS A 32 -13.17 0.25 -28.39
CA LYS A 32 -13.31 -0.05 -29.86
C LYS A 32 -13.46 -1.56 -30.05
N LYS A 33 -12.65 -2.33 -29.30
CA LYS A 33 -12.62 -3.80 -29.41
C LYS A 33 -13.68 -4.44 -28.52
N ARG A 34 -14.48 -3.68 -27.77
CA ARG A 34 -15.57 -4.18 -26.90
C ARG A 34 -14.97 -5.19 -25.91
N LEU A 35 -13.82 -4.83 -25.34
CA LEU A 35 -13.19 -5.57 -24.21
C LEU A 35 -13.73 -4.99 -22.90
N ARG A 36 -14.38 -5.83 -22.12
CA ARG A 36 -14.79 -5.45 -20.75
C ARG A 36 -13.48 -5.27 -19.97
N THR A 37 -13.24 -4.07 -19.47
CA THR A 37 -11.90 -3.68 -18.99
C THR A 37 -12.01 -3.22 -17.54
N VAL A 38 -11.03 -3.56 -16.72
CA VAL A 38 -10.92 -2.96 -15.37
C VAL A 38 -9.59 -2.23 -15.33
N ILE A 39 -9.60 -1.08 -14.67
CA ILE A 39 -8.43 -0.23 -14.39
C ILE A 39 -8.33 -0.14 -12.88
N LEU A 40 -7.18 -0.52 -12.34
CA LEU A 40 -6.98 -0.59 -10.87
C LEU A 40 -5.99 0.48 -10.46
N ALA A 41 -6.49 1.41 -9.66
CA ALA A 41 -5.72 2.52 -9.07
C ALA A 41 -5.27 2.11 -7.66
N PRO A 42 -4.04 2.47 -7.24
CA PRO A 42 -3.57 2.07 -5.93
C PRO A 42 -4.31 2.78 -4.80
N THR A 43 -4.76 4.00 -5.07
CA THR A 43 -5.31 4.94 -4.07
C THR A 43 -6.44 5.77 -4.69
N ARG A 44 -7.27 6.34 -3.83
N ARG A 44 -7.26 6.38 -3.84
CA ARG A 44 -8.37 7.26 -4.21
CA ARG A 44 -8.39 7.23 -4.26
C ARG A 44 -7.77 8.49 -4.89
C ARG A 44 -7.84 8.57 -4.81
N VAL A 45 -6.64 8.98 -4.39
CA VAL A 45 -5.93 10.13 -4.99
C VAL A 45 -5.63 9.79 -6.45
N VAL A 46 -5.05 8.62 -6.75
CA VAL A 46 -4.72 8.26 -8.16
C VAL A 46 -6.01 8.05 -8.96
N ALA A 47 -7.04 7.47 -8.35
CA ALA A 47 -8.36 7.26 -9.00
C ALA A 47 -8.85 8.60 -9.55
N ALA A 48 -8.79 9.66 -8.73
CA ALA A 48 -9.22 11.01 -9.13
C ALA A 48 -8.32 11.61 -10.22
N GLU A 49 -7.00 11.43 -10.17
CA GLU A 49 -6.09 11.85 -11.27
C GLU A 49 -6.41 11.11 -12.57
N MET A 50 -6.75 9.84 -12.47
CA MET A 50 -7.08 9.06 -13.67
C MET A 50 -8.33 9.61 -14.33
N GLU A 51 -9.35 9.98 -13.53
CA GLU A 51 -10.58 10.59 -14.10
C GLU A 51 -10.15 11.78 -14.98
N GLU A 52 -9.19 12.57 -14.53
CA GLU A 52 -8.71 13.76 -15.31
C GLU A 52 -8.03 13.27 -16.60
N ALA A 53 -7.22 12.23 -16.54
CA ALA A 53 -6.49 11.67 -17.70
C ALA A 53 -7.47 11.07 -18.71
N LEU A 54 -8.60 10.57 -18.23
CA LEU A 54 -9.54 9.74 -19.02
C LEU A 54 -10.79 10.56 -19.32
N ARG A 55 -10.78 11.86 -19.02
CA ARG A 55 -12.04 12.64 -19.06
C ARG A 55 -12.69 12.53 -20.46
N GLY A 56 -14.01 12.40 -20.48
CA GLY A 56 -14.77 12.28 -21.74
C GLY A 56 -14.82 10.84 -22.25
N LEU A 57 -13.89 9.97 -21.83
CA LEU A 57 -13.98 8.52 -22.16
C LEU A 57 -15.02 7.86 -21.28
N PRO A 58 -15.76 6.87 -21.80
CA PRO A 58 -16.82 6.22 -21.03
C PRO A 58 -16.31 5.19 -20.01
N VAL A 59 -16.09 5.66 -18.80
CA VAL A 59 -15.51 4.84 -17.68
C VAL A 59 -16.46 4.91 -16.48
N ARG A 60 -16.73 3.77 -15.85
CA ARG A 60 -17.52 3.70 -14.60
C ARG A 60 -16.53 3.75 -13.43
N TYR A 61 -16.60 4.83 -12.66
CA TYR A 61 -15.71 5.09 -11.49
C TYR A 61 -16.35 4.49 -10.25
N MET A 62 -15.85 3.34 -9.84
CA MET A 62 -16.45 2.55 -8.76
C MET A 62 -15.76 2.98 -7.45
N THR A 63 -15.90 4.27 -7.15
CA THR A 63 -15.28 4.90 -5.97
C THR A 63 -16.02 6.22 -5.72
N THR A 64 -16.24 6.61 -4.46
CA THR A 64 -16.78 7.97 -4.14
C THR A 64 -15.70 9.02 -4.31
N ALA A 65 -14.48 8.66 -4.74
CA ALA A 65 -13.37 9.63 -4.90
C ALA A 65 -13.59 10.51 -6.14
N VAL A 66 -14.47 10.07 -7.04
CA VAL A 66 -14.79 10.68 -8.35
C VAL A 66 -16.26 11.06 -8.30
N ASN A 67 -16.56 12.34 -8.42
CA ASN A 67 -17.94 12.86 -8.53
C ASN A 67 -18.27 12.96 -10.02
N VAL A 68 -18.89 11.92 -10.59
CA VAL A 68 -19.42 11.88 -11.99
C VAL A 68 -20.76 11.14 -12.02
N THR A 69 -21.63 11.54 -12.96
CA THR A 69 -22.90 10.88 -13.31
C THR A 69 -22.63 9.92 -14.49
N HIS A 70 -22.64 8.62 -14.23
CA HIS A 70 -22.40 7.53 -15.22
C HIS A 70 -23.55 7.46 -16.23
N SER A 71 -23.23 7.12 -17.48
CA SER A 71 -24.21 6.93 -18.58
C SER A 71 -25.00 5.63 -18.37
N GLY A 72 -24.42 4.68 -17.64
CA GLY A 72 -24.97 3.32 -17.44
C GLY A 72 -24.44 2.33 -18.47
N THR A 73 -23.77 2.82 -19.52
CA THR A 73 -23.37 2.04 -20.74
C THR A 73 -21.86 1.71 -20.73
N GLU A 74 -21.14 2.07 -19.66
CA GLU A 74 -19.66 1.95 -19.66
C GLU A 74 -19.29 0.46 -19.62
N ILE A 75 -18.32 0.08 -20.44
CA ILE A 75 -17.72 -1.30 -20.36
C ILE A 75 -16.29 -1.25 -19.78
N VAL A 76 -15.87 -0.09 -19.32
CA VAL A 76 -14.59 0.09 -18.61
C VAL A 76 -14.94 0.48 -17.16
N ASP A 77 -14.43 -0.29 -16.21
CA ASP A 77 -14.61 0.01 -14.78
C ASP A 77 -13.27 0.52 -14.25
N LEU A 78 -13.32 1.40 -13.27
CA LEU A 78 -12.10 1.82 -12.55
C LEU A 78 -12.37 1.69 -11.06
N MET A 79 -11.49 1.04 -10.34
CA MET A 79 -11.63 0.92 -8.89
C MET A 79 -10.25 0.82 -8.29
N CYS A 80 -10.19 0.88 -6.99
CA CYS A 80 -8.89 0.71 -6.29
C CYS A 80 -8.47 -0.76 -6.28
N HIS A 81 -7.17 -1.00 -6.22
CA HIS A 81 -6.63 -2.39 -6.08
C HIS A 81 -7.38 -3.14 -4.97
N ALA A 82 -7.52 -2.49 -3.82
CA ALA A 82 -8.08 -3.17 -2.63
C ALA A 82 -9.56 -3.47 -2.86
N THR A 83 -10.25 -2.59 -3.57
CA THR A 83 -11.69 -2.77 -3.89
C THR A 83 -11.84 -3.99 -4.79
N PHE A 84 -10.95 -4.18 -5.76
CA PHE A 84 -11.00 -5.36 -6.64
C PHE A 84 -10.90 -6.62 -5.80
N THR A 85 -9.86 -6.73 -4.98
CA THR A 85 -9.65 -7.94 -4.17
C THR A 85 -10.80 -8.15 -3.19
N SER A 86 -11.27 -7.08 -2.60
CA SER A 86 -12.42 -7.11 -1.64
C SER A 86 -13.64 -7.71 -2.33
N ARG A 87 -13.96 -7.22 -3.53
CA ARG A 87 -15.17 -7.70 -4.25
C ARG A 87 -14.99 -9.15 -4.66
N LEU A 88 -13.77 -9.58 -5.02
CA LEU A 88 -13.50 -11.00 -5.33
C LEU A 88 -13.78 -11.87 -4.09
N LEU A 89 -13.39 -11.40 -2.92
CA LEU A 89 -13.54 -12.21 -1.70
C LEU A 89 -15.01 -12.35 -1.28
N GLN A 90 -15.79 -11.30 -1.50
CA GLN A 90 -17.21 -11.19 -1.09
C GLN A 90 -18.10 -11.96 -2.06
N PRO A 91 -19.33 -12.30 -1.60
CA PRO A 91 -20.34 -12.96 -2.42
C PRO A 91 -21.01 -11.88 -3.26
N ILE A 92 -20.22 -11.30 -4.13
CA ILE A 92 -20.64 -10.31 -5.15
C ILE A 92 -19.99 -10.77 -6.45
N ARG A 93 -20.78 -10.75 -7.52
CA ARG A 93 -20.41 -10.99 -8.94
C ARG A 93 -19.44 -9.91 -9.38
N VAL A 94 -18.25 -10.34 -9.73
CA VAL A 94 -17.20 -9.48 -10.37
C VAL A 94 -17.13 -9.97 -11.79
N PRO A 95 -17.25 -9.08 -12.78
CA PRO A 95 -17.17 -9.52 -14.16
C PRO A 95 -15.83 -10.22 -14.40
N ASN A 96 -15.82 -11.15 -15.34
CA ASN A 96 -14.56 -11.81 -15.77
C ASN A 96 -13.90 -10.90 -16.82
N TYR A 97 -13.23 -9.80 -16.40
CA TYR A 97 -12.71 -8.73 -17.29
C TYR A 97 -11.77 -9.33 -18.35
N ASN A 98 -12.01 -8.95 -19.60
CA ASN A 98 -11.16 -9.39 -20.74
C ASN A 98 -9.79 -8.74 -20.64
N LEU A 99 -9.73 -7.48 -20.14
CA LEU A 99 -8.48 -6.71 -20.05
C LEU A 99 -8.42 -6.15 -18.64
N ASN A 100 -7.28 -6.40 -18.00
CA ASN A 100 -7.02 -6.08 -16.58
C ASN A 100 -5.81 -5.17 -16.58
N ILE A 101 -6.03 -3.92 -16.22
CA ILE A 101 -4.94 -2.92 -16.21
C ILE A 101 -4.68 -2.55 -14.76
N MET A 102 -3.45 -2.71 -14.30
CA MET A 102 -3.09 -2.32 -12.93
C MET A 102 -2.13 -1.15 -13.02
N ASP A 103 -2.52 0.02 -12.52
CA ASP A 103 -1.58 1.15 -12.43
C ASP A 103 -0.83 1.05 -11.09
N GLU A 104 0.41 1.57 -11.07
CA GLU A 104 1.33 1.51 -9.92
C GLU A 104 1.41 0.05 -9.46
N ALA A 105 1.72 -0.87 -10.37
CA ALA A 105 1.59 -2.30 -10.16
C ALA A 105 2.73 -2.88 -9.30
N HIS A 106 3.61 -2.03 -8.82
CA HIS A 106 4.63 -2.40 -7.82
C HIS A 106 4.06 -2.39 -6.39
N PHE A 107 2.85 -1.94 -6.17
CA PHE A 107 2.34 -1.73 -4.82
C PHE A 107 2.38 -3.07 -4.08
N THR A 108 2.96 -3.08 -2.87
CA THR A 108 3.20 -4.35 -2.15
C THR A 108 2.20 -4.56 -0.98
N ASP A 109 1.09 -3.84 -0.97
CA ASP A 109 0.02 -4.13 0.02
C ASP A 109 -0.57 -5.48 -0.34
N PRO A 110 -1.00 -6.28 0.66
CA PRO A 110 -1.46 -7.65 0.43
C PRO A 110 -2.57 -7.70 -0.62
N SER A 111 -3.51 -6.76 -0.64
CA SER A 111 -4.60 -6.82 -1.64
C SER A 111 -4.07 -6.61 -3.07
N SER A 112 -3.01 -5.83 -3.22
CA SER A 112 -2.39 -5.56 -4.55
C SER A 112 -1.68 -6.82 -5.02
N ILE A 113 -0.89 -7.43 -4.14
CA ILE A 113 -0.18 -8.67 -4.49
C ILE A 113 -1.23 -9.71 -4.88
N ALA A 114 -2.31 -9.85 -4.11
CA ALA A 114 -3.34 -10.84 -4.38
C ALA A 114 -3.98 -10.55 -5.75
N ALA A 115 -4.34 -9.29 -6.00
CA ALA A 115 -4.93 -8.88 -7.28
C ALA A 115 -3.97 -9.32 -8.40
N ARG A 116 -2.67 -9.08 -8.28
CA ARG A 116 -1.76 -9.46 -9.37
C ARG A 116 -1.76 -10.97 -9.53
N GLY A 117 -1.88 -11.73 -8.47
CA GLY A 117 -1.85 -13.20 -8.55
C GLY A 117 -3.09 -13.71 -9.26
N TYR A 118 -4.23 -13.18 -8.89
CA TYR A 118 -5.52 -13.56 -9.51
C TYR A 118 -5.46 -13.21 -11.02
N ILE A 119 -5.08 -11.99 -11.35
CA ILE A 119 -5.07 -11.51 -12.76
C ILE A 119 -4.08 -12.37 -13.54
N SER A 120 -2.87 -12.55 -13.05
CA SER A 120 -1.82 -13.25 -13.83
C SER A 120 -2.24 -14.71 -13.97
N THR A 121 -2.96 -15.29 -13.02
CA THR A 121 -3.46 -16.67 -13.16
C THR A 121 -4.51 -16.70 -14.28
N ARG A 122 -5.42 -15.75 -14.33
CA ARG A 122 -6.44 -15.75 -15.43
C ARG A 122 -5.72 -15.64 -16.76
N VAL A 123 -4.69 -14.82 -16.87
CA VAL A 123 -3.93 -14.69 -18.13
C VAL A 123 -3.27 -16.04 -18.44
N GLU A 124 -2.64 -16.66 -17.47
CA GLU A 124 -1.97 -17.98 -17.69
C GLU A 124 -2.99 -19.03 -18.14
N MET A 125 -4.24 -18.98 -17.67
CA MET A 125 -5.31 -19.92 -18.05
C MET A 125 -5.78 -19.67 -19.47
N GLY A 126 -5.44 -18.53 -20.06
CA GLY A 126 -5.78 -18.19 -21.44
C GLY A 126 -7.09 -17.43 -21.53
N GLU A 127 -7.56 -16.91 -20.40
CA GLU A 127 -8.91 -16.37 -20.17
C GLU A 127 -8.93 -14.86 -20.41
N ALA A 128 -7.80 -14.18 -20.34
CA ALA A 128 -7.77 -12.71 -20.20
C ALA A 128 -6.42 -12.17 -20.66
N ALA A 129 -6.36 -10.86 -20.77
CA ALA A 129 -5.14 -10.09 -20.99
C ALA A 129 -4.94 -9.18 -19.79
N ALA A 130 -3.70 -8.77 -19.59
CA ALA A 130 -3.39 -7.84 -18.50
C ALA A 130 -2.27 -6.90 -18.89
N ILE A 131 -2.28 -5.71 -18.31
CA ILE A 131 -1.20 -4.73 -18.43
C ILE A 131 -0.86 -4.30 -17.00
N PHE A 132 0.40 -4.47 -16.61
CA PHE A 132 0.92 -4.02 -15.29
C PHE A 132 1.76 -2.78 -15.57
N MET A 133 1.34 -1.62 -15.10
CA MET A 133 2.04 -0.34 -15.35
C MET A 133 2.90 -0.02 -14.13
N THR A 134 4.23 -0.10 -14.28
CA THR A 134 5.17 0.35 -13.24
C THR A 134 6.58 0.43 -13.86
N ALA A 135 7.30 1.46 -13.41
CA ALA A 135 8.73 1.65 -13.67
C ALA A 135 9.55 0.56 -12.99
N THR A 136 9.00 -0.08 -11.96
CA THR A 136 9.82 -0.93 -11.07
C THR A 136 9.10 -2.27 -10.89
N PRO A 137 9.19 -3.15 -11.90
CA PRO A 137 8.54 -4.45 -11.74
C PRO A 137 9.16 -5.29 -10.64
N PRO A 138 8.52 -6.36 -10.14
CA PRO A 138 9.13 -7.18 -9.09
C PRO A 138 10.54 -7.69 -9.39
N GLY A 139 11.43 -7.57 -8.42
CA GLY A 139 12.81 -8.09 -8.54
C GLY A 139 13.71 -7.15 -9.31
N THR A 140 13.24 -5.95 -9.70
CA THR A 140 14.13 -4.94 -10.29
C THR A 140 15.32 -4.73 -9.35
N ARG A 141 16.50 -4.55 -9.89
CA ARG A 141 17.75 -4.38 -9.12
C ARG A 141 18.29 -2.97 -9.35
N ASP A 142 17.50 -2.12 -10.00
CA ASP A 142 17.96 -0.78 -10.45
C ASP A 142 17.30 0.30 -9.59
N ALA A 143 18.03 0.83 -8.62
CA ALA A 143 17.50 1.92 -7.76
C ALA A 143 17.57 3.29 -8.45
N PHE A 144 18.28 3.41 -9.57
CA PHE A 144 18.54 4.71 -10.24
C PHE A 144 18.12 4.68 -11.70
N PRO A 145 16.82 4.45 -11.98
CA PRO A 145 16.34 4.46 -13.37
C PRO A 145 16.40 5.85 -14.03
N ASP A 146 16.12 5.84 -15.32
CA ASP A 146 16.05 7.10 -16.09
C ASP A 146 14.95 8.00 -15.51
N SER A 147 15.02 9.30 -15.81
CA SER A 147 14.08 10.34 -15.36
C SER A 147 13.85 11.32 -16.50
N ASN A 148 12.85 12.16 -16.33
CA ASN A 148 12.53 13.22 -17.32
C ASN A 148 13.65 14.27 -17.35
N SER A 149 14.28 14.57 -16.20
CA SER A 149 15.42 15.51 -16.10
C SER A 149 16.50 14.88 -15.25
N PRO A 150 17.76 15.26 -15.47
CA PRO A 150 18.87 14.77 -14.68
C PRO A 150 18.65 14.98 -13.18
N ILE A 151 19.04 13.96 -12.41
CA ILE A 151 18.96 14.01 -10.91
C ILE A 151 20.36 14.04 -10.32
N MET A 152 20.58 14.83 -9.26
CA MET A 152 21.85 14.79 -8.50
C MET A 152 21.65 13.74 -7.40
N ASP A 153 22.32 12.61 -7.51
CA ASP A 153 22.28 11.51 -6.49
C ASP A 153 23.45 11.66 -5.52
N THR A 154 23.19 11.72 -4.22
CA THR A 154 24.25 11.80 -3.20
C THR A 154 23.94 10.84 -2.08
N GLU A 155 24.88 9.99 -1.76
CA GLU A 155 24.85 9.15 -0.54
C GLU A 155 25.29 10.00 0.62
N VAL A 156 24.49 10.13 1.63
CA VAL A 156 24.74 11.03 2.78
C VAL A 156 24.05 10.44 4.00
N GLU A 157 24.58 10.69 5.21
CA GLU A 157 23.91 10.30 6.45
C GLU A 157 22.66 11.17 6.59
N VAL A 158 21.54 10.51 6.77
CA VAL A 158 20.23 11.18 6.91
C VAL A 158 19.79 11.00 8.35
N PRO A 159 19.33 12.07 9.06
CA PRO A 159 18.85 11.88 10.40
C PRO A 159 17.57 11.03 10.44
N GLU A 160 17.43 10.23 11.49
CA GLU A 160 16.23 9.44 11.82
C GLU A 160 15.73 9.81 13.20
N ARG A 161 16.30 10.88 13.77
CA ARG A 161 15.93 11.38 15.10
C ARG A 161 16.07 12.88 15.01
N ALA A 162 15.51 13.57 15.98
CA ALA A 162 15.73 15.02 16.15
C ALA A 162 17.24 15.31 16.20
N TRP A 163 17.68 16.39 15.59
CA TRP A 163 19.11 16.79 15.57
C TRP A 163 19.25 18.25 15.96
N SER A 164 20.43 18.63 16.46
CA SER A 164 20.81 19.98 16.90
C SER A 164 21.91 20.56 16.00
N SER A 165 22.71 19.69 15.39
CA SER A 165 23.92 20.04 14.63
C SER A 165 24.27 18.91 13.68
N GLY A 166 25.11 19.18 12.70
CA GLY A 166 25.75 18.15 11.87
C GLY A 166 24.97 17.83 10.60
N PHE A 167 23.79 18.44 10.41
CA PHE A 167 22.95 18.20 9.22
C PHE A 167 22.49 19.53 8.61
N ASP A 168 23.36 20.52 8.51
CA ASP A 168 22.90 21.87 8.09
C ASP A 168 22.28 21.80 6.68
N TRP A 169 22.76 20.89 5.84
CA TRP A 169 22.32 20.74 4.43
C TRP A 169 20.81 20.50 4.45
N VAL A 170 20.29 19.92 5.49
CA VAL A 170 18.83 19.58 5.53
C VAL A 170 18.04 20.89 5.50
N THR A 171 18.35 21.81 6.42
CA THR A 171 17.56 23.01 6.68
C THR A 171 18.07 24.16 5.81
N ASP A 172 19.27 24.09 5.23
CA ASP A 172 19.80 25.25 4.44
C ASP A 172 19.07 25.41 3.12
N HIS A 173 18.36 24.41 2.68
CA HIS A 173 17.68 24.31 1.38
C HIS A 173 16.46 25.21 1.31
N SER A 174 16.26 25.91 0.19
CA SER A 174 15.17 26.92 0.08
C SER A 174 14.01 26.38 -0.74
N GLY A 175 14.14 25.16 -1.25
CA GLY A 175 13.05 24.57 -2.06
C GLY A 175 12.14 23.68 -1.25
N LYS A 176 11.55 22.70 -1.91
CA LYS A 176 10.55 21.78 -1.34
C LYS A 176 11.14 20.38 -1.33
N THR A 177 11.04 19.72 -0.17
CA THR A 177 11.64 18.39 0.05
C THR A 177 10.53 17.40 0.37
N VAL A 178 10.61 16.24 -0.28
CA VAL A 178 9.85 15.03 0.11
C VAL A 178 10.81 14.11 0.86
N TRP A 179 10.48 13.80 2.12
CA TRP A 179 11.38 13.00 3.00
C TRP A 179 10.68 11.71 3.35
N PHE A 180 11.23 10.58 2.88
CA PHE A 180 10.72 9.23 3.19
C PHE A 180 11.36 8.72 4.48
N VAL A 181 10.47 8.43 5.41
CA VAL A 181 10.78 7.88 6.74
C VAL A 181 10.24 6.44 6.83
N PRO A 182 10.78 5.63 7.75
CA PRO A 182 10.32 4.25 7.86
C PRO A 182 9.03 4.01 8.64
N SER A 183 8.55 5.01 9.38
CA SER A 183 7.34 4.80 10.22
C SER A 183 6.70 6.17 10.47
N VAL A 184 5.43 6.13 10.80
CA VAL A 184 4.72 7.32 11.30
C VAL A 184 5.44 7.91 12.51
N ARG A 185 5.83 7.10 13.50
CA ARG A 185 6.41 7.63 14.76
C ARG A 185 7.72 8.32 14.44
N ASN A 186 8.53 7.74 13.54
N ASN A 186 8.49 7.71 13.53
CA ASN A 186 9.83 8.36 13.17
CA ASN A 186 9.78 8.29 13.08
C ASN A 186 9.54 9.68 12.43
C ASN A 186 9.51 9.66 12.45
N GLY A 187 8.55 9.71 11.54
CA GLY A 187 8.19 10.95 10.84
C GLY A 187 7.75 12.02 11.83
N ASN A 188 7.06 11.62 12.89
CA ASN A 188 6.57 12.60 13.90
C ASN A 188 7.76 13.31 14.55
N GLU A 189 8.80 12.56 14.90
CA GLU A 189 9.98 13.16 15.53
C GLU A 189 10.70 14.09 14.56
N ILE A 190 10.92 13.69 13.32
CA ILE A 190 11.63 14.52 12.33
C ILE A 190 10.77 15.75 12.04
N ALA A 191 9.47 15.54 11.88
CA ALA A 191 8.54 16.67 11.62
C ALA A 191 8.61 17.71 12.75
N ALA A 192 8.64 17.28 13.99
CA ALA A 192 8.65 18.21 15.13
C ALA A 192 9.97 19.01 15.13
N CYS A 193 11.05 18.32 14.79
CA CYS A 193 12.37 18.97 14.75
C CYS A 193 12.36 20.05 13.65
N LEU A 194 11.86 19.73 12.44
CA LEU A 194 11.77 20.69 11.33
C LEU A 194 10.86 21.86 11.70
N THR A 195 9.71 21.57 12.33
CA THR A 195 8.76 22.63 12.75
C THR A 195 9.46 23.57 13.73
N LYS A 196 10.22 23.01 14.67
CA LYS A 196 10.92 23.83 15.67
C LYS A 196 11.93 24.71 14.94
N ALA A 197 12.49 24.28 13.80
CA ALA A 197 13.49 25.06 13.02
C ALA A 197 12.81 26.04 12.06
N GLY A 198 11.50 26.18 12.13
CA GLY A 198 10.74 27.19 11.36
C GLY A 198 10.22 26.68 10.04
N LYS A 199 10.29 25.37 9.80
CA LYS A 199 9.82 24.79 8.53
C LYS A 199 8.33 24.48 8.63
N ARG A 200 7.67 24.55 7.49
CA ARG A 200 6.27 24.12 7.31
C ARG A 200 6.25 22.68 6.83
N VAL A 201 5.69 21.78 7.65
CA VAL A 201 5.78 20.33 7.39
C VAL A 201 4.38 19.75 7.25
N ILE A 202 4.18 18.93 6.23
CA ILE A 202 2.97 18.09 6.04
C ILE A 202 3.44 16.65 6.24
N GLN A 203 2.68 15.87 6.99
CA GLN A 203 2.95 14.42 7.23
C GLN A 203 1.92 13.57 6.49
N LEU A 204 2.36 12.56 5.76
CA LEU A 204 1.52 11.60 5.01
C LEU A 204 1.79 10.19 5.52
N SER A 205 0.72 9.43 5.68
CA SER A 205 0.78 7.97 5.92
C SER A 205 -0.46 7.36 5.33
N ARG A 206 -0.56 6.02 5.32
CA ARG A 206 -1.71 5.36 4.65
C ARG A 206 -3.06 5.90 5.11
N LYS A 207 -3.29 6.01 6.41
CA LYS A 207 -4.62 6.36 6.97
C LYS A 207 -4.96 7.82 6.69
N THR A 208 -3.96 8.69 6.60
CA THR A 208 -4.20 10.15 6.48
C THR A 208 -4.03 10.62 5.04
N PHE A 209 -3.58 9.74 4.12
CA PHE A 209 -3.09 10.18 2.80
C PHE A 209 -4.14 11.02 2.06
N GLU A 210 -5.40 10.61 1.92
CA GLU A 210 -6.30 11.44 1.05
C GLU A 210 -6.45 12.85 1.61
N THR A 211 -6.80 12.96 2.89
CA THR A 211 -7.01 14.27 3.56
C THR A 211 -5.73 15.11 3.48
N GLU A 212 -4.60 14.54 3.90
CA GLU A 212 -3.38 15.36 4.10
C GLU A 212 -2.75 15.67 2.74
N PHE A 213 -2.85 14.78 1.74
CA PHE A 213 -2.23 15.03 0.42
C PHE A 213 -2.79 16.34 -0.17
N GLN A 214 -4.07 16.64 0.05
CA GLN A 214 -4.65 17.90 -0.47
C GLN A 214 -3.88 19.12 0.06
N LYS A 215 -3.34 19.04 1.29
CA LYS A 215 -2.58 20.18 1.85
C LYS A 215 -1.37 20.51 0.96
N THR A 216 -0.82 19.54 0.21
CA THR A 216 0.37 19.80 -0.62
C THR A 216 0.01 20.72 -1.78
N LYS A 217 -1.28 20.79 -2.13
CA LYS A 217 -1.80 21.71 -3.16
C LYS A 217 -2.28 23.02 -2.54
N ASN A 218 -2.92 22.98 -1.37
CA ASN A 218 -3.69 24.13 -0.83
C ASN A 218 -2.83 25.01 0.07
N GLN A 219 -1.71 24.50 0.62
CA GLN A 219 -0.89 25.36 1.49
C GLN A 219 0.56 25.35 1.00
N GLU A 220 1.28 26.41 1.36
CA GLU A 220 2.73 26.47 1.11
C GLU A 220 3.37 25.51 2.13
N TRP A 221 4.39 24.79 1.70
CA TRP A 221 5.09 23.84 2.60
C TRP A 221 6.54 23.85 2.19
N ASP A 222 7.38 23.41 3.12
CA ASP A 222 8.82 23.26 2.91
C ASP A 222 9.19 21.76 2.84
N PHE A 223 8.56 20.95 3.68
CA PHE A 223 8.81 19.49 3.76
C PHE A 223 7.48 18.73 3.75
N VAL A 224 7.48 17.63 3.00
CA VAL A 224 6.50 16.54 3.18
C VAL A 224 7.27 15.38 3.82
N ILE A 225 6.81 14.92 4.96
CA ILE A 225 7.36 13.74 5.68
C ILE A 225 6.39 12.60 5.45
N THR A 226 6.83 11.58 4.77
CA THR A 226 5.93 10.54 4.28
C THR A 226 6.53 9.17 4.55
N THR A 227 5.65 8.23 4.82
CA THR A 227 6.00 6.81 4.73
C THR A 227 6.02 6.37 3.26
N ASP A 228 6.23 5.09 3.07
CA ASP A 228 6.33 4.43 1.76
C ASP A 228 5.06 4.58 0.92
N ILE A 229 3.94 4.99 1.51
CA ILE A 229 2.70 5.11 0.69
C ILE A 229 2.90 6.10 -0.47
N SER A 230 3.85 7.04 -0.35
CA SER A 230 4.09 8.01 -1.44
C SER A 230 4.92 7.42 -2.57
N GLU A 231 5.28 6.13 -2.50
CA GLU A 231 5.82 5.36 -3.63
C GLU A 231 4.76 5.09 -4.69
N MET A 232 3.50 5.28 -4.38
CA MET A 232 2.41 4.77 -5.28
C MET A 232 1.75 5.91 -6.05
N GLY A 233 2.53 6.66 -6.82
CA GLY A 233 2.02 7.61 -7.82
C GLY A 233 1.65 8.95 -7.24
N ALA A 234 2.03 9.22 -5.98
CA ALA A 234 1.93 10.53 -5.30
C ALA A 234 2.77 11.53 -6.06
N ASN A 235 2.21 12.61 -6.62
CA ASN A 235 3.08 13.63 -7.27
C ASN A 235 3.10 14.97 -6.52
N PHE A 236 4.32 15.46 -6.40
CA PHE A 236 4.72 16.67 -5.65
C PHE A 236 5.44 17.60 -6.64
N LYS A 237 5.33 18.89 -6.41
CA LYS A 237 6.13 19.90 -7.14
C LYS A 237 7.31 20.12 -6.21
N ALA A 238 8.27 19.21 -6.22
CA ALA A 238 9.39 19.23 -5.27
C ALA A 238 10.70 19.30 -6.05
N ASP A 239 11.75 19.74 -5.40
CA ASP A 239 13.07 19.73 -6.05
C ASP A 239 14.06 18.86 -5.25
N ARG A 240 13.65 18.22 -4.16
CA ARG A 240 14.57 17.35 -3.43
C ARG A 240 13.79 16.20 -2.80
N VAL A 241 14.37 15.00 -2.87
CA VAL A 241 13.94 13.88 -2.01
C VAL A 241 15.07 13.60 -1.03
N ILE A 242 14.70 13.45 0.23
CA ILE A 242 15.60 12.91 1.29
C ILE A 242 15.06 11.52 1.55
N ASP A 243 15.90 10.50 1.42
CA ASP A 243 15.41 9.13 1.56
C ASP A 243 16.23 8.46 2.62
N SER A 244 15.62 8.15 3.77
CA SER A 244 16.26 7.32 4.80
C SER A 244 16.75 6.00 4.22
N ARG A 245 16.13 5.53 3.12
CA ARG A 245 16.29 4.20 2.50
C ARG A 245 15.93 3.11 3.52
N ARG A 246 15.01 3.44 4.44
CA ARG A 246 14.59 2.50 5.49
C ARG A 246 13.07 2.31 5.50
N CYS A 247 12.68 1.13 5.96
CA CYS A 247 11.26 0.72 6.06
C CYS A 247 11.14 -0.23 7.24
N LEU A 248 9.91 -0.46 7.66
CA LEU A 248 9.59 -1.51 8.63
C LEU A 248 9.13 -2.72 7.85
N LYS A 249 9.49 -3.90 8.35
CA LYS A 249 9.10 -5.15 7.68
C LYS A 249 8.25 -5.94 8.65
N PRO A 250 6.97 -6.16 8.37
CA PRO A 250 6.19 -7.05 9.23
C PRO A 250 6.64 -8.48 9.00
N VAL A 251 6.94 -9.17 10.09
CA VAL A 251 7.49 -10.53 10.09
C VAL A 251 6.66 -11.40 11.03
N ILE A 252 6.22 -12.52 10.52
CA ILE A 252 5.51 -13.54 11.31
C ILE A 252 6.57 -14.39 12.03
N LEU A 253 6.59 -14.38 13.36
CA LEU A 253 7.55 -15.17 14.18
C LEU A 253 6.89 -16.45 14.66
N ASP A 254 7.48 -17.62 14.37
CA ASP A 254 6.99 -18.95 14.85
C ASP A 254 5.50 -19.16 14.56
N GLY A 255 4.99 -18.71 13.41
CA GLY A 255 3.56 -18.79 13.02
C GLY A 255 2.60 -18.19 14.05
N GLU A 256 3.10 -17.41 15.03
CA GLU A 256 2.39 -17.14 16.32
C GLU A 256 2.10 -15.65 16.55
N ARG A 257 2.94 -14.74 16.02
CA ARG A 257 2.82 -13.29 16.31
C ARG A 257 3.44 -12.54 15.13
N VAL A 258 3.08 -11.29 14.97
CA VAL A 258 3.70 -10.41 13.94
C VAL A 258 4.42 -9.27 14.62
N ILE A 259 5.70 -9.09 14.27
CA ILE A 259 6.52 -7.98 14.76
C ILE A 259 6.78 -7.06 13.56
N LEU A 260 7.05 -5.82 13.87
CA LEU A 260 7.53 -4.86 12.86
C LEU A 260 9.03 -4.73 13.03
N ALA A 261 9.73 -5.48 12.22
CA ALA A 261 11.19 -5.61 12.25
C ALA A 261 11.81 -4.39 11.59
N GLY A 262 13.01 -4.08 12.06
CA GLY A 262 13.84 -3.03 11.45
C GLY A 262 13.80 -1.79 12.32
N PRO A 263 13.89 -0.58 11.77
CA PRO A 263 13.95 -0.33 10.34
C PRO A 263 15.09 -1.01 9.62
N MET A 264 14.86 -1.29 8.38
CA MET A 264 15.88 -1.98 7.58
C MET A 264 15.81 -1.45 6.16
N PRO A 265 16.77 -1.82 5.30
CA PRO A 265 16.81 -1.29 3.95
C PRO A 265 15.55 -1.58 3.15
N VAL A 266 15.25 -0.61 2.30
CA VAL A 266 14.20 -0.74 1.28
C VAL A 266 14.67 -1.63 0.14
N THR A 267 13.71 -2.11 -0.64
CA THR A 267 14.06 -2.75 -1.91
C THR A 267 14.57 -1.74 -2.96
N HIS A 268 15.19 -2.24 -4.02
CA HIS A 268 15.61 -1.36 -5.13
C HIS A 268 14.38 -0.68 -5.74
N ALA A 269 13.28 -1.41 -5.91
CA ALA A 269 12.04 -0.86 -6.48
C ALA A 269 11.56 0.33 -5.62
N SER A 270 11.51 0.16 -4.30
CA SER A 270 11.05 1.22 -3.38
C SER A 270 11.98 2.41 -3.52
N ALA A 271 13.28 2.15 -3.52
CA ALA A 271 14.26 3.25 -3.61
C ALA A 271 14.05 4.02 -4.91
N ALA A 272 13.86 3.31 -6.00
CA ALA A 272 13.65 3.93 -7.33
C ALA A 272 12.36 4.74 -7.34
N GLN A 273 11.31 4.28 -6.67
CA GLN A 273 10.04 5.04 -6.66
C GLN A 273 10.17 6.27 -5.77
N ARG A 274 10.90 6.16 -4.70
CA ARG A 274 11.13 7.31 -3.78
C ARG A 274 11.91 8.38 -4.54
N ARG A 275 13.04 8.01 -5.08
CA ARG A 275 13.80 8.91 -5.96
C ARG A 275 12.91 9.45 -7.08
N GLY A 276 12.07 8.61 -7.68
CA GLY A 276 11.23 8.95 -8.82
C GLY A 276 10.23 10.01 -8.50
N ARG A 277 10.09 10.48 -7.25
CA ARG A 277 9.22 11.64 -6.99
C ARG A 277 9.80 12.92 -7.61
N ILE A 278 11.11 12.96 -7.85
CA ILE A 278 11.74 14.18 -8.43
C ILE A 278 12.42 13.82 -9.75
N GLY A 279 12.97 14.81 -10.44
CA GLY A 279 13.48 14.59 -11.79
C GLY A 279 12.36 14.52 -12.84
N ARG A 280 11.16 14.96 -12.49
CA ARG A 280 9.96 14.71 -13.32
C ARG A 280 9.74 15.82 -14.33
N ASN A 281 10.44 16.94 -14.19
CA ASN A 281 10.14 18.14 -15.01
C ASN A 281 11.32 18.36 -15.93
N PRO A 282 11.21 18.16 -17.27
CA PRO A 282 12.39 18.29 -18.13
C PRO A 282 12.95 19.73 -18.13
N ASN A 283 12.17 20.69 -17.66
CA ASN A 283 12.60 22.11 -17.56
C ASN A 283 13.28 22.43 -16.23
N LYS A 284 13.39 21.46 -15.33
CA LYS A 284 14.00 21.70 -14.01
C LYS A 284 15.02 20.62 -13.76
N PRO A 285 16.17 20.61 -14.48
CA PRO A 285 17.25 19.69 -14.17
C PRO A 285 17.87 20.00 -12.80
N GLY A 286 18.45 18.98 -12.20
CA GLY A 286 19.27 19.13 -10.98
C GLY A 286 18.44 19.03 -9.72
N ASP A 287 17.25 18.44 -9.81
CA ASP A 287 16.60 17.99 -8.56
C ASP A 287 17.55 17.04 -7.82
N GLU A 288 17.45 16.98 -6.50
CA GLU A 288 18.40 16.29 -5.62
C GLU A 288 17.74 15.05 -5.03
N TYR A 289 18.52 13.97 -4.93
CA TYR A 289 18.14 12.74 -4.24
C TYR A 289 19.25 12.43 -3.25
N MET A 290 18.93 12.65 -1.99
CA MET A 290 19.90 12.40 -0.90
C MET A 290 19.50 11.09 -0.25
N TYR A 291 20.37 10.09 -0.19
CA TYR A 291 19.94 8.75 0.29
C TYR A 291 20.88 8.26 1.37
N GLY A 292 20.31 7.68 2.44
CA GLY A 292 21.00 7.41 3.72
C GLY A 292 21.30 5.97 4.00
N GLY A 293 21.30 5.13 2.98
CA GLY A 293 21.54 3.70 3.17
C GLY A 293 21.47 2.95 1.87
N GLY A 294 21.82 1.67 1.90
CA GLY A 294 21.74 0.82 0.71
C GLY A 294 20.38 0.15 0.58
N CYS A 295 20.22 -0.60 -0.49
CA CYS A 295 18.99 -1.39 -0.73
C CYS A 295 19.26 -2.84 -0.40
N ALA A 296 18.19 -3.59 -0.14
CA ALA A 296 18.29 -5.06 0.06
C ALA A 296 16.94 -5.68 -0.31
N GLU A 297 16.85 -6.99 -0.52
N GLU A 297 16.91 -7.02 -0.35
CA GLU A 297 15.52 -7.54 -0.90
CA GLU A 297 15.71 -7.84 -0.68
C GLU A 297 14.81 -7.96 0.41
C GLU A 297 14.86 -8.02 0.57
N THR A 298 14.28 -6.94 1.10
CA THR A 298 13.56 -7.04 2.40
C THR A 298 12.11 -7.49 2.19
N ASP A 299 11.69 -7.74 0.94
CA ASP A 299 10.38 -8.31 0.64
C ASP A 299 10.45 -9.82 0.88
N GLU A 300 11.64 -10.40 0.92
CA GLU A 300 11.74 -11.86 1.18
C GLU A 300 11.31 -12.13 2.61
N GLY A 301 10.27 -12.94 2.79
CA GLY A 301 9.77 -13.30 4.13
C GLY A 301 8.96 -12.18 4.75
N HIS A 302 8.58 -11.17 3.97
CA HIS A 302 7.77 -10.04 4.48
C HIS A 302 6.32 -10.56 4.59
N ALA A 303 5.63 -10.24 5.66
CA ALA A 303 4.28 -10.78 5.92
C ALA A 303 3.30 -10.46 4.79
N HIS A 304 3.47 -9.38 4.02
CA HIS A 304 2.44 -9.05 3.00
C HIS A 304 2.28 -10.16 1.93
N TRP A 305 3.33 -10.91 1.63
CA TRP A 305 3.24 -11.97 0.61
C TRP A 305 2.51 -13.19 1.23
N LEU A 306 2.68 -13.48 2.52
CA LEU A 306 1.91 -14.58 3.15
C LEU A 306 0.46 -14.11 3.25
N GLU A 307 0.25 -12.86 3.68
CA GLU A 307 -1.14 -12.32 3.74
C GLU A 307 -1.80 -12.38 2.37
N ALA A 308 -1.06 -12.10 1.29
CA ALA A 308 -1.62 -12.23 -0.06
C ALA A 308 -2.05 -13.68 -0.36
N ARG A 309 -1.30 -14.67 0.13
CA ARG A 309 -1.71 -16.08 0.00
C ARG A 309 -3.00 -16.35 0.80
N MET A 310 -3.16 -15.73 1.97
CA MET A 310 -4.38 -15.89 2.76
C MET A 310 -5.54 -15.35 1.95
N LEU A 311 -5.37 -14.23 1.24
CA LEU A 311 -6.46 -13.66 0.44
C LEU A 311 -6.79 -14.60 -0.74
N LEU A 312 -5.75 -14.99 -1.49
CA LEU A 312 -5.94 -15.79 -2.73
C LEU A 312 -6.52 -17.17 -2.41
N ASP A 313 -6.16 -17.78 -1.29
CA ASP A 313 -6.73 -19.09 -0.88
C ASP A 313 -8.25 -18.96 -0.71
N ASN A 314 -8.76 -17.74 -0.52
CA ASN A 314 -10.19 -17.50 -0.20
C ASN A 314 -10.92 -16.81 -1.34
N ILE A 315 -10.35 -16.87 -2.55
CA ILE A 315 -11.00 -16.28 -3.74
C ILE A 315 -11.33 -17.42 -4.70
N TYR A 316 -12.60 -17.50 -5.09
CA TYR A 316 -12.99 -18.52 -6.09
C TYR A 316 -12.38 -18.19 -7.43
N LEU A 317 -11.85 -19.21 -8.05
CA LEU A 317 -11.26 -19.10 -9.41
C LEU A 317 -12.05 -20.02 -10.35
N GLN A 318 -12.03 -21.29 -10.04
CA GLN A 318 -12.68 -22.34 -10.85
C GLN A 318 -12.64 -23.65 -10.06
N ASP A 319 -13.80 -24.19 -9.69
CA ASP A 319 -13.90 -25.39 -8.83
C ASP A 319 -13.02 -25.20 -7.60
N GLY A 320 -12.05 -26.08 -7.37
CA GLY A 320 -11.17 -25.99 -6.19
C GLY A 320 -9.83 -25.38 -6.51
N LEU A 321 -9.62 -24.88 -7.72
CA LEU A 321 -8.32 -24.30 -8.10
C LEU A 321 -8.07 -23.03 -7.29
N ILE A 322 -6.82 -22.71 -7.13
CA ILE A 322 -6.44 -21.50 -6.34
C ILE A 322 -5.40 -20.73 -7.15
N ALA A 323 -5.61 -19.45 -7.27
CA ALA A 323 -4.69 -18.56 -8.03
C ALA A 323 -3.33 -18.57 -7.33
N SER A 324 -2.31 -18.56 -8.16
CA SER A 324 -0.89 -18.47 -7.77
C SER A 324 -0.50 -17.00 -7.70
N LEU A 325 0.50 -16.68 -6.88
CA LEU A 325 1.08 -15.33 -6.97
C LEU A 325 1.69 -15.12 -8.35
N TYR A 326 1.76 -13.88 -8.77
CA TYR A 326 2.45 -13.44 -9.99
C TYR A 326 3.89 -13.97 -9.91
N ARG A 327 4.33 -14.69 -10.95
CA ARG A 327 5.54 -15.53 -10.86
C ARG A 327 6.73 -14.77 -10.28
N PRO A 328 7.06 -13.55 -10.74
CA PRO A 328 8.25 -12.87 -10.24
C PRO A 328 8.28 -12.55 -8.74
N GLU A 329 7.12 -12.58 -8.08
CA GLU A 329 7.10 -12.28 -6.63
C GLU A 329 6.69 -13.54 -5.85
N ALA A 330 6.58 -14.70 -6.48
CA ALA A 330 6.04 -15.92 -5.86
C ALA A 330 7.00 -16.52 -4.84
N ASP A 331 8.31 -16.28 -4.92
CA ASP A 331 9.23 -16.94 -3.97
C ASP A 331 9.44 -16.10 -2.72
N LYS A 332 8.72 -15.00 -2.58
CA LYS A 332 8.85 -14.09 -1.41
C LYS A 332 8.19 -14.73 -0.19
N VAL A 333 7.46 -15.81 -0.38
CA VAL A 333 6.72 -16.47 0.73
C VAL A 333 6.90 -17.99 0.63
N ALA A 334 7.00 -18.68 1.77
CA ALA A 334 6.96 -20.15 1.85
C ALA A 334 5.59 -20.46 2.44
N ALA A 335 4.71 -20.90 1.58
CA ALA A 335 3.33 -21.28 2.00
C ALA A 335 2.94 -22.53 1.23
N ILE A 336 2.03 -23.31 1.80
CA ILE A 336 1.38 -24.43 1.06
C ILE A 336 0.13 -23.84 0.38
N GLU A 337 0.01 -23.87 -0.96
CA GLU A 337 -1.19 -23.35 -1.66
C GLU A 337 -2.42 -24.04 -1.07
N GLY A 338 -3.45 -23.25 -0.77
CA GLY A 338 -4.69 -23.77 -0.15
C GLY A 338 -4.64 -23.86 1.37
N GLU A 339 -3.49 -23.68 2.04
CA GLU A 339 -3.39 -23.92 3.49
C GLU A 339 -4.30 -22.94 4.24
N PHE A 340 -4.70 -21.79 3.62
CA PHE A 340 -5.49 -20.76 4.33
C PHE A 340 -6.94 -20.76 3.83
N LYS A 341 -7.34 -21.75 3.02
CA LYS A 341 -8.72 -21.80 2.53
C LYS A 341 -9.68 -22.04 3.70
N LEU A 342 -10.63 -21.13 3.86
CA LEU A 342 -11.64 -21.23 4.95
C LEU A 342 -12.99 -21.70 4.40
N ARG A 343 -13.74 -22.40 5.24
CA ARG A 343 -15.16 -22.74 4.93
C ARG A 343 -15.97 -21.44 4.87
N THR A 344 -17.13 -21.45 4.21
CA THR A 344 -17.92 -20.24 3.85
C THR A 344 -18.07 -19.31 5.06
N GLU A 345 -18.45 -19.84 6.22
CA GLU A 345 -18.82 -18.98 7.37
C GLU A 345 -17.55 -18.37 8.00
N GLN A 346 -16.48 -19.17 8.15
CA GLN A 346 -15.18 -18.61 8.64
C GLN A 346 -14.64 -17.60 7.61
N ARG A 347 -14.80 -17.84 6.30
CA ARG A 347 -14.40 -16.85 5.29
C ARG A 347 -15.15 -15.54 5.48
N LYS A 348 -16.47 -15.58 5.70
CA LYS A 348 -17.24 -14.35 5.88
C LYS A 348 -16.72 -13.61 7.11
N THR A 349 -16.37 -14.34 8.15
CA THR A 349 -15.80 -13.71 9.39
C THR A 349 -14.46 -13.05 9.08
N PHE A 350 -13.60 -13.78 8.36
CA PHE A 350 -12.29 -13.25 7.94
C PHE A 350 -12.48 -11.96 7.15
N VAL A 351 -13.39 -11.93 6.18
CA VAL A 351 -13.64 -10.72 5.39
C VAL A 351 -14.11 -9.56 6.28
N GLU A 352 -15.04 -9.84 7.17
CA GLU A 352 -15.61 -8.76 8.01
C GLU A 352 -14.54 -8.21 8.96
N LEU A 353 -13.69 -9.08 9.51
CA LEU A 353 -12.59 -8.61 10.40
C LEU A 353 -11.66 -7.70 9.63
N MET A 354 -11.44 -7.96 8.34
CA MET A 354 -10.53 -7.07 7.59
C MET A 354 -11.21 -5.77 7.18
N LYS A 355 -12.46 -5.83 6.76
CA LYS A 355 -13.15 -4.63 6.25
C LYS A 355 -13.66 -3.83 7.45
N ARG A 356 -14.80 -4.24 8.01
CA ARG A 356 -15.37 -3.47 9.13
C ARG A 356 -14.35 -3.45 10.28
N GLY A 357 -13.77 -4.58 10.59
CA GLY A 357 -12.83 -4.69 11.70
C GLY A 357 -11.56 -3.87 11.50
N ASP A 358 -11.17 -3.66 10.25
CA ASP A 358 -9.91 -2.93 9.92
C ASP A 358 -8.71 -3.63 10.56
N LEU A 359 -8.75 -4.95 10.69
CA LEU A 359 -7.59 -5.68 11.23
C LEU A 359 -6.64 -6.08 10.12
N PRO A 360 -5.34 -6.22 10.42
CA PRO A 360 -4.41 -6.76 9.43
C PRO A 360 -4.87 -8.14 8.99
N VAL A 361 -4.57 -8.49 7.74
CA VAL A 361 -5.01 -9.78 7.19
C VAL A 361 -4.60 -10.93 8.11
N TRP A 362 -3.32 -10.97 8.49
CA TRP A 362 -2.81 -12.09 9.31
C TRP A 362 -3.67 -12.24 10.56
N LEU A 363 -3.92 -11.14 11.24
CA LEU A 363 -4.68 -11.20 12.52
C LEU A 363 -6.12 -11.61 12.28
N ALA A 364 -6.78 -11.05 11.24
CA ALA A 364 -8.14 -11.46 10.85
C ALA A 364 -8.17 -12.96 10.61
N TYR A 365 -7.15 -13.48 9.95
CA TYR A 365 -7.10 -14.93 9.69
C TYR A 365 -6.98 -15.71 11.00
N GLN A 366 -6.14 -15.33 11.95
CA GLN A 366 -6.00 -16.13 13.20
C GLN A 366 -7.37 -16.19 13.87
N VAL A 367 -8.08 -15.08 13.93
CA VAL A 367 -9.37 -14.99 14.65
C VAL A 367 -10.41 -15.85 13.94
N ALA A 368 -10.55 -15.68 12.63
CA ALA A 368 -11.60 -16.38 11.84
C ALA A 368 -11.30 -17.89 11.85
N SER A 369 -10.06 -18.28 11.66
CA SER A 369 -9.70 -19.73 11.62
C SER A 369 -9.83 -20.37 12.99
N ALA A 370 -9.87 -19.61 14.08
CA ALA A 370 -10.11 -20.13 15.44
C ALA A 370 -11.60 -20.40 15.69
N GLY A 371 -12.47 -20.03 14.75
CA GLY A 371 -13.93 -20.23 14.87
C GLY A 371 -14.59 -19.19 15.76
N ILE A 372 -13.95 -18.03 15.91
CA ILE A 372 -14.49 -16.88 16.66
C ILE A 372 -15.35 -16.06 15.73
N THR A 373 -16.53 -15.67 16.19
CA THR A 373 -17.39 -14.80 15.37
C THR A 373 -16.99 -13.32 15.45
N TYR A 374 -17.43 -12.53 14.48
CA TYR A 374 -16.88 -11.17 14.25
C TYR A 374 -17.03 -10.34 15.54
N THR A 375 -18.17 -10.41 16.20
CA THR A 375 -18.48 -9.57 17.38
C THR A 375 -17.92 -10.11 18.70
N ASP A 376 -17.30 -11.27 18.73
CA ASP A 376 -16.81 -11.91 19.97
C ASP A 376 -15.39 -11.39 20.23
N ARG A 377 -15.23 -10.46 21.16
CA ARG A 377 -13.94 -9.77 21.38
C ARG A 377 -13.20 -10.35 22.60
N ARG A 378 -13.65 -11.48 23.12
CA ARG A 378 -12.99 -12.07 24.31
C ARG A 378 -11.49 -12.27 24.03
N TRP A 379 -11.12 -12.67 22.84
CA TRP A 379 -9.70 -12.87 22.45
C TRP A 379 -8.85 -11.64 22.64
N CYS A 380 -9.40 -10.44 22.68
CA CYS A 380 -8.59 -9.21 22.83
C CYS A 380 -8.01 -9.11 24.22
N PHE A 381 -8.44 -9.97 25.16
CA PHE A 381 -8.07 -9.82 26.58
C PHE A 381 -7.46 -11.08 27.17
N ASP A 382 -7.44 -12.20 26.47
CA ASP A 382 -7.08 -13.48 27.14
C ASP A 382 -5.72 -14.04 26.66
N GLY A 383 -4.87 -13.20 26.07
CA GLY A 383 -3.52 -13.59 25.62
C GLY A 383 -2.51 -13.75 26.75
N THR A 384 -1.29 -14.18 26.39
CA THR A 384 -0.19 -14.32 27.37
C THR A 384 0.21 -12.95 27.92
N THR A 385 0.92 -12.91 29.05
CA THR A 385 1.40 -11.64 29.63
C THR A 385 2.26 -10.87 28.62
N ASN A 386 3.08 -11.56 27.83
CA ASN A 386 4.01 -10.86 26.93
C ASN A 386 3.25 -10.20 25.78
N ASN A 387 1.95 -10.46 25.63
CA ASN A 387 1.07 -9.87 24.58
C ASN A 387 0.40 -8.59 25.09
N THR A 388 0.70 -8.18 26.30
CA THR A 388 0.18 -6.91 26.87
C THR A 388 0.54 -5.72 25.97
N ILE A 389 -0.45 -4.99 25.49
CA ILE A 389 -0.14 -3.79 24.67
C ILE A 389 0.11 -2.61 25.61
N MET A 390 1.18 -1.86 25.34
CA MET A 390 1.60 -0.72 26.18
C MET A 390 1.25 0.58 25.46
N GLU A 391 0.83 1.58 26.24
N GLU A 391 0.85 1.59 26.25
CA GLU A 391 0.49 2.96 25.77
CA GLU A 391 0.47 2.95 25.80
C GLU A 391 1.10 3.96 26.76
C GLU A 391 1.11 3.95 26.77
N ASP A 392 2.09 4.73 26.32
CA ASP A 392 2.85 5.68 27.20
C ASP A 392 3.44 4.92 28.40
N SER A 393 4.04 3.77 28.16
CA SER A 393 4.81 2.99 29.16
C SER A 393 3.92 2.38 30.25
N VAL A 394 2.59 2.29 30.06
CA VAL A 394 1.62 1.64 30.99
C VAL A 394 0.80 0.69 30.13
N PRO A 395 0.31 -0.45 30.65
CA PRO A 395 -0.59 -1.29 29.85
C PRO A 395 -1.83 -0.50 29.41
N ALA A 396 -2.18 -0.66 28.14
CA ALA A 396 -3.39 -0.06 27.54
C ALA A 396 -4.60 -0.76 28.16
N GLU A 397 -5.64 0.03 28.37
CA GLU A 397 -6.88 -0.47 29.01
C GLU A 397 -8.07 0.08 28.24
N VAL A 398 -9.11 -0.74 28.18
CA VAL A 398 -10.40 -0.34 27.59
C VAL A 398 -11.51 -0.80 28.53
N TRP A 399 -12.67 -0.19 28.36
CA TRP A 399 -13.91 -0.77 28.92
C TRP A 399 -14.48 -1.74 27.90
N THR A 400 -14.67 -2.97 28.29
CA THR A 400 -15.22 -4.01 27.41
C THR A 400 -16.69 -3.66 27.14
N LYS A 401 -17.24 -4.32 26.17
CA LYS A 401 -18.68 -4.17 25.85
C LYS A 401 -19.56 -4.55 27.04
N TYR A 402 -19.00 -5.21 28.05
CA TYR A 402 -19.71 -5.63 29.29
C TYR A 402 -19.61 -4.52 30.35
N GLY A 403 -18.80 -3.50 30.10
CA GLY A 403 -18.59 -2.40 31.06
C GLY A 403 -17.47 -2.66 32.04
N GLU A 404 -16.60 -3.62 31.77
CA GLU A 404 -15.49 -4.01 32.67
C GLU A 404 -14.21 -3.36 32.16
N LYS A 405 -13.41 -2.72 33.01
CA LYS A 405 -12.10 -2.18 32.56
C LYS A 405 -11.12 -3.34 32.51
N ARG A 406 -10.47 -3.58 31.37
CA ARG A 406 -9.51 -4.67 31.20
C ARG A 406 -8.30 -4.19 30.44
N VAL A 407 -7.19 -4.83 30.78
CA VAL A 407 -5.93 -4.65 30.05
C VAL A 407 -6.06 -5.32 28.69
N LEU A 408 -5.57 -4.60 27.70
CA LEU A 408 -5.53 -5.12 26.31
C LEU A 408 -4.38 -6.12 26.18
N LYS A 409 -4.70 -7.36 25.89
CA LYS A 409 -3.75 -8.47 25.94
C LYS A 409 -4.26 -9.49 24.95
N PRO A 410 -4.12 -9.18 23.64
CA PRO A 410 -4.72 -10.00 22.59
C PRO A 410 -4.11 -11.39 22.56
N ARG A 411 -4.93 -12.36 22.21
CA ARG A 411 -4.53 -13.77 22.11
C ARG A 411 -3.47 -13.92 21.03
N TRP A 412 -3.60 -13.18 19.94
CA TRP A 412 -2.62 -13.11 18.84
C TRP A 412 -2.15 -11.67 18.81
N MET A 413 -0.83 -11.47 18.82
CA MET A 413 -0.25 -10.13 18.89
C MET A 413 0.25 -9.80 17.47
N ASP A 414 -0.31 -8.77 16.88
CA ASP A 414 0.15 -8.21 15.60
C ASP A 414 0.56 -6.76 15.88
N ALA A 415 1.83 -6.46 15.78
CA ALA A 415 2.40 -5.13 16.10
C ALA A 415 1.75 -4.02 15.28
N ARG A 416 1.15 -4.33 14.17
CA ARG A 416 0.50 -3.30 13.35
C ARG A 416 -0.73 -2.70 14.04
N VAL A 417 -1.31 -3.39 15.01
CA VAL A 417 -2.49 -2.79 15.67
C VAL A 417 -2.08 -1.71 16.66
N CYS A 418 -0.80 -1.51 16.93
CA CYS A 418 -0.40 -0.53 17.95
C CYS A 418 0.92 0.15 17.55
N SER A 419 1.15 0.27 16.25
CA SER A 419 2.43 0.80 15.69
C SER A 419 2.50 2.33 15.89
N ASP A 420 1.36 2.98 16.08
CA ASP A 420 1.29 4.43 16.34
C ASP A 420 0.01 4.73 17.13
N HIS A 421 -0.16 5.98 17.60
CA HIS A 421 -1.33 6.35 18.45
C HIS A 421 -2.62 6.02 17.72
N ALA A 422 -2.73 6.36 16.43
CA ALA A 422 -3.98 6.17 15.68
C ALA A 422 -4.32 4.68 15.59
N ALA A 423 -3.34 3.85 15.29
CA ALA A 423 -3.57 2.39 15.18
C ALA A 423 -4.10 1.87 16.51
N LEU A 424 -3.45 2.21 17.61
CA LEU A 424 -3.83 1.69 18.93
C LEU A 424 -5.23 2.21 19.25
N LYS A 425 -5.54 3.47 18.92
CA LYS A 425 -6.90 4.01 19.21
C LYS A 425 -7.92 3.13 18.49
N SER A 426 -7.67 2.81 17.22
CA SER A 426 -8.60 1.98 16.43
C SER A 426 -8.75 0.61 17.07
N PHE A 427 -7.63 0.03 17.49
CA PHE A 427 -7.68 -1.33 18.07
C PHE A 427 -8.43 -1.32 19.42
N LYS A 428 -8.24 -0.28 20.22
CA LYS A 428 -8.96 -0.10 21.50
C LYS A 428 -10.46 -0.07 21.21
N GLU A 429 -10.88 0.67 20.23
CA GLU A 429 -12.31 0.75 19.83
C GLU A 429 -12.80 -0.65 19.44
N PHE A 430 -12.00 -1.37 18.66
CA PHE A 430 -12.36 -2.75 18.28
C PHE A 430 -12.53 -3.62 19.51
N ALA A 431 -11.56 -3.59 20.41
CA ALA A 431 -11.59 -4.46 21.61
C ALA A 431 -12.80 -4.14 22.49
N ALA A 432 -13.25 -2.91 22.46
CA ALA A 432 -14.39 -2.43 23.26
C ALA A 432 -15.72 -2.77 22.58
N GLY A 433 -15.74 -3.32 21.39
CA GLY A 433 -16.99 -3.65 20.70
C GLY A 433 -17.58 -2.50 19.95
N LYS A 434 -16.84 -1.44 19.66
CA LYS A 434 -17.39 -0.19 19.12
C LYS A 434 -17.52 -0.24 17.59
N ARG A 435 -17.06 -1.31 16.95
CA ARG A 435 -17.39 -1.51 15.51
C ARG A 435 -17.29 -2.99 15.24
C1 EDO B . -3.96 3.25 0.67
O1 EDO B . -3.73 2.26 1.63
C2 EDO B . -4.48 4.49 1.28
O2 EDO B . -5.84 4.72 0.94
P PO4 C . 4.17 7.80 -15.34
O1 PO4 C . 2.72 7.34 -15.12
O2 PO4 C . 4.85 6.89 -16.35
O3 PO4 C . 4.95 7.70 -14.01
O4 PO4 C . 4.14 9.27 -15.88
P PO4 D . 2.34 -0.77 8.14
O1 PO4 D . 1.16 -1.74 8.13
O2 PO4 D . 2.60 -0.29 9.58
O3 PO4 D . 3.59 -1.47 7.60
O4 PO4 D . 2.01 0.45 7.25
N1 NY7 E . -10.42 -2.36 1.16
C4 NY7 E . -9.09 -5.98 2.96
C5 NY7 E . -9.39 -5.96 1.59
C6 NY7 E . -9.21 -7.19 0.73
C7 NY7 E . -9.85 -4.77 0.98
C8 NY7 E . -9.99 -3.60 1.73
C10 NY7 E . -11.58 -0.64 -0.12
C1 NY7 E . -8.92 -2.08 4.82
C2 NY7 E . -9.68 -3.62 3.10
C3 NY7 E . -9.23 -4.80 3.72
C9 NY7 E . -11.45 -2.12 0.25
N2 NY7 E . -12.74 -0.47 -0.98
O1 NY7 E . -9.82 -2.37 3.76
O2 NY7 E . -12.21 -2.94 -0.21
N1 NY7 F . 2.04 -17.07 -14.32
C4 NY7 F . 5.52 -16.18 -16.63
C5 NY7 F . 4.80 -15.14 -15.98
C6 NY7 F . 5.21 -13.72 -16.13
C7 NY7 F . 3.66 -15.39 -15.23
C8 NY7 F . 3.18 -16.70 -15.11
C10 NY7 F . 0.42 -17.08 -12.45
C1 NY7 F . 3.23 -19.82 -16.73
C2 NY7 F . 3.89 -17.74 -15.77
C3 NY7 F . 5.05 -17.48 -16.53
C9 NY7 F . 1.69 -16.50 -13.11
N2 NY7 F . 0.02 -16.21 -11.35
O1 NY7 F . 3.40 -19.03 -15.56
O2 NY7 F . 2.35 -15.62 -12.63
P PO4 G . -16.10 -1.46 0.40
O1 PO4 G . -17.30 -1.68 1.30
O2 PO4 G . -15.91 -2.68 -0.51
O3 PO4 G . -14.85 -1.28 1.25
O4 PO4 G . -16.32 -0.23 -0.47
#